data_7O1Y
#
_entry.id   7O1Y
#
_cell.length_a   131.058
_cell.length_b   131.058
_cell.length_c   156.451
_cell.angle_alpha   90.000
_cell.angle_beta   90.000
_cell.angle_gamma   120.000
#
_symmetry.space_group_name_H-M   'P 65 2 2'
#
loop_
_entity.id
_entity.type
_entity.pdbx_description
1 polymer Furin
2 non-polymer [[(2E)-2-[[4-[(E)-[[azaniumylidene(azanyl)methyl]hydrazinylidene]methyl]phenyl]methylidene]hydrazinyl]-azanyl-methylidene]azanium
3 non-polymer 'CALCIUM ION'
4 non-polymer 'SODIUM ION'
5 non-polymer 'CHLORIDE ION'
6 non-polymer 'DIMETHYL SULFOXIDE'
7 non-polymer 2-acetamido-2-deoxy-beta-D-glucopyranose
8 water water
#
_entity_poly.entity_id   1
_entity_poly.type   'polypeptide(L)'
_entity_poly.pdbx_seq_one_letter_code
;DVYQEPTDPKFPQQWYLSGVTQRDLNVKAAWAQGYTGHGIVVSILDDGIEKNHPDLAGNYDPGASFDVNDQDPDPQPRYT
QMNDNRHGTRCAGEVAAVANNGVCGVGVAYNARIGGVRMLDGEVTDAVEARSLGLNPNHIHIYSASWGPEDDGKTVDGPA
RLAEEAFFRGVSQGRGGLGSIFVWASGNGGREHDSCNCDGYTNSIYTLSISSATQFGNVPWYSEACSSTLATTYSSGNQN
EKQIVTTDLRQKCTESHTGTSASAPLAAGIIALTLEANKNLTWRDMQHLVVQTSKPAHLNANDWATNGVGRKVSHSYGYG
LLDAGAMVALAQNWTTVAPQRKCIIDILTEPKDIGKRLEVRKTVTACLGEPNHITRLEHAQARLTLSYNRRGDLAIHLVS
PMGTRSTLLAARPHDYSADGFNDWAFMTTHSWDEDPSGEWVLEIENTSEANNYGTLTKFTLVLYGTASGSLVPRGSHHHH
;
_entity_poly.pdbx_strand_id   A
#
loop_
_chem_comp.id
_chem_comp.type
_chem_comp.name
_chem_comp.formula
CA non-polymer 'CALCIUM ION' 'Ca 2'
CL non-polymer 'CHLORIDE ION' 'Cl -1'
DMS non-polymer 'DIMETHYL SULFOXIDE' 'C2 H6 O S'
NA non-polymer 'SODIUM ION' 'Na 1'
NAG D-saccharide, beta linking 2-acetamido-2-deoxy-beta-D-glucopyranose 'C8 H15 N O6'
UYQ non-polymer [[(2E)-2-[[4-[(E)-[[azaniumylidene(azanyl)methyl]hydrazinylidene]methyl]phenyl]methylidene]hydrazinyl]-azanyl-methylidene]azanium 'C10 H16 N8 2'
#
# COMPACT_ATOMS: atom_id res chain seq x y z
N TYR A 3 5.56 -6.02 30.88
N TYR A 3 8.00 -4.57 30.19
CA TYR A 3 5.53 -4.82 30.07
CA TYR A 3 7.28 -3.57 29.41
C TYR A 3 4.74 -3.70 30.75
C TYR A 3 6.10 -3.00 30.19
N GLN A 4 5.21 -2.46 30.58
N GLN A 4 5.88 -1.70 30.05
CA GLN A 4 4.53 -1.27 31.06
CA GLN A 4 4.74 -1.02 30.66
C GLN A 4 3.97 -0.52 29.85
C GLN A 4 3.96 -0.25 29.61
N GLU A 5 2.67 -0.28 29.86
N GLU A 5 2.63 -0.31 29.74
CA GLU A 5 2.08 0.39 28.71
CA GLU A 5 1.72 0.48 28.93
C GLU A 5 2.21 1.90 28.84
C GLU A 5 2.18 1.94 28.88
N PRO A 6 2.12 2.60 27.72
CA PRO A 6 2.44 4.04 27.70
C PRO A 6 1.56 4.89 28.61
N THR A 7 2.16 5.93 29.15
CA THR A 7 1.49 6.84 30.07
C THR A 7 1.13 8.18 29.43
N ASP A 8 1.41 8.34 28.14
CA ASP A 8 1.13 9.57 27.44
C ASP A 8 -0.34 9.94 27.57
N PRO A 9 -0.65 11.24 27.65
CA PRO A 9 -2.01 11.67 28.00
C PRO A 9 -3.07 11.26 26.99
N LYS A 10 -2.73 11.16 25.71
CA LYS A 10 -3.69 10.80 24.68
C LYS A 10 -3.61 9.33 24.28
N PHE A 11 -2.74 8.53 24.92
CA PHE A 11 -2.67 7.12 24.53
C PHE A 11 -4.02 6.44 24.66
N PRO A 12 -4.83 6.72 25.70
CA PRO A 12 -6.15 6.09 25.76
C PRO A 12 -7.06 6.44 24.59
N GLN A 13 -6.86 7.60 23.97
CA GLN A 13 -7.64 7.98 22.79
C GLN A 13 -7.15 7.29 21.52
N GLN A 14 -6.00 6.65 21.56
CA GLN A 14 -5.46 5.93 20.38
C GLN A 14 -6.05 4.52 20.36
N TRP A 15 -7.36 4.51 20.10
CA TRP A 15 -8.18 3.29 20.21
C TRP A 15 -7.66 2.16 19.36
N TYR A 16 -6.97 2.48 18.27
CA TYR A 16 -6.45 1.49 17.33
C TYR A 16 -5.15 0.86 17.85
N LEU A 17 -4.57 1.42 18.89
CA LEU A 17 -3.48 0.82 19.67
C LEU A 17 -3.88 0.39 21.07
N SER A 18 -4.63 1.22 21.80
CA SER A 18 -4.84 0.99 23.23
C SER A 18 -6.08 0.16 23.52
N GLY A 19 -6.84 -0.22 22.50
CA GLY A 19 -8.10 -0.91 22.71
C GLY A 19 -7.92 -2.25 23.40
N VAL A 20 -9.00 -2.71 24.02
CA VAL A 20 -9.02 -4.00 24.70
C VAL A 20 -10.26 -4.79 24.26
N THR A 21 -10.89 -4.37 23.16
CA THR A 21 -12.11 -5.00 22.67
C THR A 21 -11.89 -5.70 21.33
N GLN A 22 -10.64 -6.03 20.99
CA GLN A 22 -10.23 -6.76 19.80
C GLN A 22 -10.45 -6.00 18.50
N ARG A 23 -10.80 -4.71 18.57
CA ARG A 23 -10.86 -3.87 17.38
C ARG A 23 -9.64 -2.95 17.33
N ASP A 24 -8.46 -3.56 17.22
CA ASP A 24 -7.21 -2.79 17.20
C ASP A 24 -6.17 -3.54 16.37
N LEU A 25 -4.97 -2.95 16.28
CA LEU A 25 -3.91 -3.49 15.44
C LEU A 25 -2.99 -4.45 16.18
N ASN A 26 -3.35 -4.82 17.41
CA ASN A 26 -2.59 -5.79 18.20
C ASN A 26 -1.12 -5.35 18.34
N VAL A 27 -0.93 -4.07 18.62
CA VAL A 27 0.41 -3.52 18.77
C VAL A 27 0.97 -3.75 20.19
N LYS A 28 0.14 -3.65 21.22
N LYS A 28 0.14 -3.64 21.22
CA LYS A 28 0.63 -3.92 22.57
CA LYS A 28 0.63 -3.90 22.57
C LYS A 28 1.29 -5.28 22.66
C LYS A 28 1.27 -5.29 22.67
N ALA A 29 0.76 -6.26 21.92
CA ALA A 29 1.33 -7.61 21.93
C ALA A 29 2.73 -7.62 21.36
N ALA A 30 3.00 -6.81 20.33
CA ALA A 30 4.36 -6.68 19.80
C ALA A 30 5.26 -5.96 20.79
N TRP A 31 4.80 -4.82 21.33
CA TRP A 31 5.58 -4.14 22.36
C TRP A 31 5.94 -5.07 23.50
N ALA A 32 4.99 -5.91 23.92
CA ALA A 32 5.24 -6.82 25.04
C ALA A 32 6.27 -7.89 24.70
N GLN A 33 6.38 -8.26 23.43
CA GLN A 33 7.45 -9.15 22.95
C GLN A 33 8.80 -8.44 22.92
N GLY A 34 8.86 -7.14 23.24
CA GLY A 34 10.09 -6.39 23.27
C GLY A 34 10.43 -5.58 22.03
N TYR A 35 9.48 -5.40 21.12
CA TYR A 35 9.72 -4.74 19.84
C TYR A 35 9.06 -3.38 19.83
N THR A 36 9.87 -2.34 19.62
CA THR A 36 9.42 -0.96 19.66
C THR A 36 9.96 -0.15 18.49
N GLY A 37 10.74 -0.75 17.59
CA GLY A 37 11.31 -0.05 16.45
C GLY A 37 12.75 0.39 16.64
N HIS A 38 13.38 0.03 17.76
N HIS A 38 13.38 0.05 17.78
CA HIS A 38 14.77 0.41 17.96
CA HIS A 38 14.79 0.37 18.00
C HIS A 38 15.63 -0.03 16.79
C HIS A 38 15.62 -0.04 16.78
N GLY A 39 16.42 0.90 16.26
CA GLY A 39 17.33 0.61 15.17
C GLY A 39 16.74 0.75 13.79
N ILE A 40 15.45 1.01 13.65
CA ILE A 40 14.80 1.13 12.35
C ILE A 40 14.61 2.59 12.01
N VAL A 41 14.64 2.91 10.72
CA VAL A 41 14.57 4.28 10.22
C VAL A 41 13.45 4.37 9.19
N VAL A 42 12.50 5.27 9.43
CA VAL A 42 11.32 5.47 8.58
C VAL A 42 11.33 6.91 8.09
N SER A 43 10.94 7.12 6.84
CA SER A 43 10.81 8.47 6.30
C SER A 43 9.43 8.67 5.67
N ILE A 44 8.85 9.84 5.96
CA ILE A 44 7.54 10.25 5.47
C ILE A 44 7.76 11.14 4.26
N LEU A 45 7.27 10.72 3.09
CA LEU A 45 7.43 11.48 1.86
C LEU A 45 6.17 12.32 1.66
N ASP A 46 6.21 13.58 2.07
CA ASP A 46 4.99 14.38 2.11
C ASP A 46 5.33 15.88 2.09
N ASP A 47 4.74 16.68 2.97
CA ASP A 47 4.88 18.15 2.92
C ASP A 47 5.91 18.67 3.91
N GLY A 48 6.70 17.80 4.51
CA GLY A 48 7.70 18.19 5.49
C GLY A 48 7.42 17.59 6.86
N ILE A 49 8.29 17.93 7.80
CA ILE A 49 8.17 17.39 9.16
C ILE A 49 8.64 18.46 10.16
N GLU A 50 7.83 18.70 11.17
CA GLU A 50 8.16 19.65 12.23
C GLU A 50 9.16 18.96 13.16
N LYS A 51 10.44 19.10 12.83
CA LYS A 51 11.46 18.27 13.48
C LYS A 51 11.65 18.65 14.94
N ASN A 52 11.18 19.82 15.36
CA ASN A 52 11.28 20.29 16.73
C ASN A 52 9.99 20.06 17.52
N HIS A 53 9.05 19.29 16.99
CA HIS A 53 7.84 18.95 17.74
C HIS A 53 8.24 18.23 19.03
N PRO A 54 7.68 18.60 20.19
CA PRO A 54 8.06 17.92 21.43
C PRO A 54 7.84 16.41 21.41
N ASP A 55 6.96 15.87 20.56
CA ASP A 55 6.76 14.43 20.49
C ASP A 55 7.51 13.78 19.34
N LEU A 56 8.26 14.55 18.54
CA LEU A 56 9.09 14.01 17.47
C LEU A 56 10.59 14.23 17.67
N ALA A 57 11.00 15.30 18.34
CA ALA A 57 12.41 15.68 18.35
C ALA A 57 13.31 14.55 18.86
N GLY A 58 12.84 13.81 19.88
CA GLY A 58 13.67 12.76 20.46
C GLY A 58 13.99 11.63 19.49
N ASN A 59 13.13 11.41 18.49
CA ASN A 59 13.34 10.36 17.50
C ASN A 59 13.72 10.91 16.12
N TYR A 60 13.85 12.22 15.98
CA TYR A 60 14.07 12.79 14.66
C TYR A 60 15.44 12.42 14.10
N ASP A 61 15.47 12.10 12.81
CA ASP A 61 16.68 11.66 12.13
C ASP A 61 16.94 12.53 10.91
N PRO A 62 17.91 13.43 10.95
CA PRO A 62 18.23 14.23 9.76
C PRO A 62 18.67 13.39 8.58
N GLY A 63 19.28 12.24 8.85
CA GLY A 63 19.68 11.34 7.77
C GLY A 63 18.53 10.69 7.04
N ALA A 64 17.32 10.79 7.58
CA ALA A 64 16.10 10.31 6.94
C ALA A 64 15.29 11.42 6.32
N SER A 65 15.90 12.60 6.13
CA SER A 65 15.13 13.79 5.83
C SER A 65 15.81 14.62 4.76
N PHE A 66 15.00 15.37 4.01
CA PHE A 66 15.54 16.28 3.03
C PHE A 66 14.42 17.20 2.59
N ASP A 67 14.78 18.34 2.02
CA ASP A 67 13.82 19.26 1.44
C ASP A 67 14.06 19.31 -0.06
N VAL A 68 13.28 18.53 -0.79
CA VAL A 68 13.42 18.46 -2.25
C VAL A 68 12.79 19.69 -2.89
N ASN A 69 11.73 20.25 -2.29
CA ASN A 69 11.07 21.39 -2.92
C ASN A 69 12.00 22.60 -2.98
N ASP A 70 12.75 22.87 -1.91
CA ASP A 70 13.64 24.02 -1.85
C ASP A 70 15.11 23.62 -1.99
N GLN A 71 15.40 22.34 -2.11
CA GLN A 71 16.75 21.82 -2.32
C GLN A 71 17.67 22.25 -1.17
N ASP A 72 17.36 21.73 0.00
CA ASP A 72 18.20 21.89 1.18
C ASP A 72 17.92 20.73 2.12
N PRO A 73 18.73 20.56 3.16
CA PRO A 73 18.60 19.38 4.01
C PRO A 73 17.49 19.48 5.04
N ASP A 74 16.89 20.65 5.23
CA ASP A 74 16.00 20.91 6.35
C ASP A 74 14.55 20.81 5.92
N PRO A 75 13.79 19.78 6.36
CA PRO A 75 12.43 19.55 5.86
C PRO A 75 11.33 20.28 6.63
N GLN A 76 11.71 21.31 7.38
CA GLN A 76 10.74 22.01 8.19
C GLN A 76 9.57 22.49 7.33
N PRO A 77 8.33 22.30 7.75
CA PRO A 77 7.19 22.73 6.93
C PRO A 77 7.12 24.24 6.77
N ARG A 78 6.51 24.66 5.66
CA ARG A 78 6.15 26.06 5.45
C ARG A 78 4.87 26.38 6.21
N TYR A 79 4.95 27.33 7.16
CA TYR A 79 3.80 27.66 7.99
C TYR A 79 2.89 28.63 7.26
N THR A 80 1.59 28.33 7.25
CA THR A 80 0.58 29.14 6.57
C THR A 80 -0.65 29.26 7.48
N GLN A 81 -1.47 30.28 7.20
N GLN A 81 -1.48 30.27 7.17
CA GLN A 81 -2.62 30.54 8.04
CA GLN A 81 -2.64 30.57 8.01
C GLN A 81 -3.59 29.36 8.09
C GLN A 81 -3.63 29.41 8.06
N MET A 82 -3.65 28.57 7.02
CA MET A 82 -4.54 27.41 6.99
C MET A 82 -3.85 26.11 7.38
N ASN A 83 -2.56 26.15 7.72
CA ASN A 83 -1.83 24.97 8.18
C ASN A 83 -1.85 23.86 7.13
N ASP A 84 -1.76 24.27 5.86
CA ASP A 84 -1.76 23.32 4.74
C ASP A 84 -0.66 22.27 4.85
N ASN A 85 0.48 22.61 5.44
CA ASN A 85 1.63 21.71 5.45
C ASN A 85 1.80 20.98 6.77
N ARG A 86 0.68 20.56 7.36
CA ARG A 86 0.67 19.83 8.61
C ARG A 86 0.69 18.32 8.42
N HIS A 87 0.52 17.84 7.20
CA HIS A 87 0.18 16.43 7.03
C HIS A 87 1.37 15.51 7.30
N GLY A 88 2.58 15.90 6.89
CA GLY A 88 3.73 15.05 7.13
C GLY A 88 4.04 14.91 8.60
N THR A 89 3.80 15.97 9.37
CA THR A 89 3.99 15.93 10.81
C THR A 89 3.00 14.98 11.47
N ARG A 90 1.75 15.01 11.01
CA ARG A 90 0.77 14.07 11.53
C ARG A 90 1.19 12.63 11.25
N CYS A 91 1.60 12.36 10.02
CA CYS A 91 2.01 11.01 9.65
C CYS A 91 3.24 10.57 10.43
N ALA A 92 4.22 11.48 10.59
CA ALA A 92 5.43 11.11 11.33
C ALA A 92 5.10 10.62 12.75
N GLY A 93 4.17 11.29 13.42
CA GLY A 93 3.82 10.91 14.78
C GLY A 93 3.13 9.57 14.88
N GLU A 94 2.37 9.22 13.83
CA GLU A 94 1.75 7.90 13.78
C GLU A 94 2.80 6.81 13.86
N VAL A 95 3.92 7.01 13.18
CA VAL A 95 4.99 6.01 13.16
C VAL A 95 5.77 6.03 14.46
N ALA A 96 6.20 7.22 14.90
CA ALA A 96 7.30 7.26 15.86
C ALA A 96 7.19 8.41 16.85
N ALA A 97 5.98 8.83 17.21
CA ALA A 97 5.88 9.77 18.32
C ALA A 97 6.48 9.17 19.58
N VAL A 98 7.16 10.02 20.36
CA VAL A 98 7.90 9.58 21.53
C VAL A 98 6.92 9.12 22.60
N ALA A 99 7.31 8.08 23.34
CA ALA A 99 6.47 7.49 24.37
C ALA A 99 6.89 7.90 25.76
N ASN A 100 5.92 7.91 26.67
CA ASN A 100 6.16 8.10 28.11
C ASN A 100 6.81 9.44 28.42
N ASN A 101 6.39 10.48 27.70
CA ASN A 101 6.97 11.81 27.84
C ASN A 101 5.94 12.89 28.16
N GLY A 102 4.73 12.52 28.56
CA GLY A 102 3.71 13.48 28.92
C GLY A 102 3.15 14.33 27.79
N VAL A 103 3.39 13.94 26.54
CA VAL A 103 2.98 14.72 25.37
C VAL A 103 2.18 13.83 24.42
N CYS A 104 0.97 14.27 24.06
N CYS A 104 1.02 14.32 23.98
CA CYS A 104 0.12 13.66 23.03
CA CYS A 104 0.19 13.65 22.99
C CYS A 104 0.05 12.15 23.25
C CYS A 104 0.06 12.15 23.25
N GLY A 105 0.22 11.32 22.22
CA GLY A 105 0.17 9.87 22.38
C GLY A 105 1.51 9.25 22.05
N VAL A 106 1.52 8.08 21.40
CA VAL A 106 2.76 7.40 21.01
C VAL A 106 2.68 6.97 19.55
N GLY A 107 3.85 6.79 18.97
CA GLY A 107 3.93 6.11 17.69
C GLY A 107 3.81 4.60 17.83
N VAL A 108 3.41 3.96 16.73
CA VAL A 108 3.42 2.49 16.69
C VAL A 108 4.81 1.97 17.01
N ALA A 109 5.83 2.57 16.40
CA ALA A 109 7.23 2.20 16.62
C ALA A 109 7.91 3.35 17.34
N TYR A 110 7.58 3.49 18.63
CA TYR A 110 7.93 4.70 19.35
C TYR A 110 9.41 4.80 19.70
N ASN A 111 10.24 3.82 19.36
CA ASN A 111 11.69 3.96 19.48
C ASN A 111 12.40 3.95 18.13
N ALA A 112 11.64 3.94 17.04
CA ALA A 112 12.25 4.09 15.73
C ALA A 112 12.70 5.53 15.53
N ARG A 113 13.59 5.71 14.57
CA ARG A 113 13.99 7.02 14.13
C ARG A 113 13.11 7.42 12.96
N ILE A 114 12.78 8.71 12.89
CA ILE A 114 11.77 9.22 11.97
C ILE A 114 12.30 10.46 11.26
N GLY A 115 12.12 10.49 9.94
CA GLY A 115 12.43 11.66 9.15
C GLY A 115 11.31 11.99 8.19
N GLY A 116 11.49 13.07 7.46
CA GLY A 116 10.52 13.47 6.46
C GLY A 116 11.21 14.09 5.27
N VAL A 117 10.61 13.88 4.09
CA VAL A 117 11.06 14.56 2.88
C VAL A 117 9.99 15.56 2.52
N ARG A 118 10.38 16.83 2.50
CA ARG A 118 9.51 17.90 2.07
C ARG A 118 9.54 17.89 0.55
N MET A 119 8.50 17.33 -0.05
CA MET A 119 8.47 17.20 -1.51
C MET A 119 7.10 17.46 -2.14
N LEU A 120 6.02 17.64 -1.38
CA LEU A 120 4.72 17.95 -1.97
C LEU A 120 4.42 19.45 -2.04
N ASP A 121 5.24 20.28 -1.41
CA ASP A 121 4.95 21.71 -1.29
C ASP A 121 5.72 22.47 -2.36
N GLY A 122 5.26 22.27 -3.60
CA GLY A 122 5.94 22.80 -4.77
C GLY A 122 5.51 21.99 -5.97
N GLU A 123 6.13 22.29 -7.11
CA GLU A 123 5.84 21.53 -8.32
C GLU A 123 6.39 20.11 -8.18
N VAL A 124 5.53 19.11 -8.31
CA VAL A 124 5.93 17.71 -8.11
C VAL A 124 6.14 17.06 -9.47
N THR A 125 7.37 17.08 -9.93
CA THR A 125 7.77 16.44 -11.18
C THR A 125 8.20 15.00 -10.96
N ASP A 126 8.42 14.28 -12.07
CA ASP A 126 9.04 12.96 -12.04
C ASP A 126 10.37 13.00 -11.27
N ALA A 127 11.19 14.02 -11.56
CA ALA A 127 12.48 14.12 -10.87
C ALA A 127 12.30 14.34 -9.36
N VAL A 128 11.33 15.16 -8.95
CA VAL A 128 11.08 15.37 -7.52
C VAL A 128 10.69 14.06 -6.86
N GLU A 129 9.77 13.32 -7.49
CA GLU A 129 9.36 12.02 -6.98
C GLU A 129 10.54 11.08 -6.83
N ALA A 130 11.39 11.02 -7.86
CA ALA A 130 12.48 10.06 -7.88
C ALA A 130 13.52 10.40 -6.84
N ARG A 131 13.83 11.69 -6.68
N ARG A 131 13.84 11.70 -6.68
CA ARG A 131 14.80 12.13 -5.68
CA ARG A 131 14.82 12.09 -5.67
C ARG A 131 14.30 11.87 -4.27
C ARG A 131 14.30 11.80 -4.27
N SER A 132 12.98 11.78 -4.08
CA SER A 132 12.40 11.49 -2.77
C SER A 132 12.41 9.99 -2.48
N LEU A 133 11.93 9.20 -3.44
CA LEU A 133 11.93 7.75 -3.28
C LEU A 133 13.34 7.21 -3.14
N GLY A 134 14.31 7.86 -3.77
CA GLY A 134 15.69 7.45 -3.73
C GLY A 134 16.53 8.06 -2.64
N LEU A 135 15.93 8.72 -1.66
CA LEU A 135 16.71 9.37 -0.62
C LEU A 135 17.39 8.34 0.27
N ASN A 136 18.71 8.48 0.40
CA ASN A 136 19.55 7.77 1.36
C ASN A 136 19.10 6.32 1.58
N PRO A 137 19.10 5.50 0.52
CA PRO A 137 18.43 4.19 0.58
C PRO A 137 19.22 3.12 1.31
N ASN A 138 20.44 3.41 1.72
CA ASN A 138 21.15 2.49 2.62
C ASN A 138 21.07 2.94 4.06
N HIS A 139 20.32 4.01 4.35
CA HIS A 139 20.04 4.44 5.71
C HIS A 139 18.58 4.31 6.09
N ILE A 140 17.68 4.78 5.22
CA ILE A 140 16.25 4.67 5.43
C ILE A 140 15.83 3.25 5.10
N HIS A 141 15.08 2.60 6.00
CA HIS A 141 14.60 1.26 5.77
C HIS A 141 13.23 1.26 5.09
N ILE A 142 12.36 2.15 5.54
CA ILE A 142 10.94 2.14 5.20
C ILE A 142 10.54 3.56 4.80
N TYR A 143 9.83 3.67 3.67
CA TYR A 143 9.25 4.91 3.19
C TYR A 143 7.73 4.83 3.26
N SER A 144 7.07 5.95 3.59
CA SER A 144 5.62 6.01 3.64
C SER A 144 5.13 7.13 2.74
N ALA A 145 4.15 6.86 1.89
CA ALA A 145 3.67 7.87 0.95
C ALA A 145 2.20 7.67 0.65
N SER A 146 1.49 8.77 0.34
CA SER A 146 0.09 8.63 0.00
C SER A 146 -0.33 9.50 -1.19
N TRP A 147 0.61 9.86 -2.04
CA TRP A 147 0.37 10.66 -3.24
C TRP A 147 0.47 9.83 -4.52
N GLY A 148 0.09 10.47 -5.61
CA GLY A 148 -0.12 9.80 -6.87
C GLY A 148 -1.11 10.59 -7.69
N PRO A 149 -1.64 9.98 -8.75
CA PRO A 149 -2.53 10.73 -9.65
C PRO A 149 -3.79 11.17 -8.92
N GLU A 150 -4.39 12.23 -9.44
CA GLU A 150 -5.60 12.77 -8.81
C GLU A 150 -6.64 11.68 -8.62
N ASP A 151 -7.27 11.69 -7.44
CA ASP A 151 -8.33 10.74 -7.09
C ASP A 151 -9.68 11.25 -7.60
N ASP A 152 -9.74 11.61 -8.87
CA ASP A 152 -10.96 12.13 -9.46
C ASP A 152 -11.81 11.08 -10.14
N GLY A 153 -11.38 9.81 -10.14
CA GLY A 153 -12.14 8.77 -10.77
C GLY A 153 -12.12 8.78 -12.28
N LYS A 154 -11.22 9.55 -12.88
CA LYS A 154 -11.11 9.54 -14.33
C LYS A 154 -9.67 9.48 -14.82
N THR A 155 -8.70 9.48 -13.93
CA THR A 155 -7.30 9.52 -14.32
C THR A 155 -6.72 8.12 -14.31
N VAL A 156 -5.88 7.81 -15.30
CA VAL A 156 -5.04 6.61 -15.31
C VAL A 156 -3.61 7.10 -15.46
N ASP A 157 -2.78 6.91 -14.43
CA ASP A 157 -1.40 7.36 -14.50
C ASP A 157 -0.62 6.68 -13.39
N GLY A 158 0.69 6.69 -13.55
CA GLY A 158 1.60 6.09 -12.59
C GLY A 158 2.97 6.74 -12.67
N PRO A 159 3.96 6.13 -12.02
CA PRO A 159 5.32 6.71 -12.07
C PRO A 159 5.82 6.85 -13.49
N ALA A 160 6.37 8.02 -13.81
CA ALA A 160 7.13 8.18 -15.05
C ALA A 160 8.53 7.57 -14.90
N ARG A 161 9.44 7.83 -15.86
CA ARG A 161 10.62 6.99 -15.98
C ARG A 161 11.55 7.09 -14.75
N LEU A 162 11.82 8.30 -14.26
CA LEU A 162 12.75 8.45 -13.14
C LEU A 162 12.19 7.79 -11.88
N ALA A 163 10.90 7.99 -11.62
CA ALA A 163 10.30 7.40 -10.42
C ALA A 163 10.25 5.87 -10.52
N GLU A 164 9.92 5.34 -11.70
CA GLU A 164 9.94 3.89 -11.88
C GLU A 164 11.35 3.33 -11.66
N GLU A 165 12.36 4.03 -12.19
CA GLU A 165 13.73 3.64 -11.94
C GLU A 165 14.06 3.71 -10.46
N ALA A 166 13.54 4.71 -9.74
CA ALA A 166 13.80 4.78 -8.30
C ALA A 166 13.20 3.58 -7.56
N PHE A 167 11.98 3.17 -7.93
CA PHE A 167 11.42 1.95 -7.33
C PHE A 167 12.31 0.74 -7.61
N PHE A 168 12.69 0.56 -8.89
N PHE A 168 12.80 0.55 -8.83
CA PHE A 168 13.59 -0.51 -9.32
CA PHE A 168 13.55 -0.68 -9.08
C PHE A 168 14.81 -0.56 -8.41
C PHE A 168 14.93 -0.62 -8.44
N ARG A 169 15.53 0.57 -8.39
CA ARG A 169 16.79 0.69 -7.67
C ARG A 169 16.58 0.46 -6.18
N GLY A 170 15.47 0.96 -5.64
CA GLY A 170 15.20 0.81 -4.22
C GLY A 170 15.04 -0.64 -3.80
N VAL A 171 14.17 -1.38 -4.50
CA VAL A 171 13.95 -2.76 -4.09
C VAL A 171 15.13 -3.65 -4.45
N SER A 172 15.97 -3.26 -5.41
CA SER A 172 17.08 -4.12 -5.82
C SER A 172 18.34 -3.87 -4.99
N GLN A 173 18.81 -2.63 -4.93
CA GLN A 173 20.04 -2.33 -4.19
C GLN A 173 19.80 -1.63 -2.85
N GLY A 174 18.62 -1.10 -2.59
CA GLY A 174 18.36 -0.45 -1.33
C GLY A 174 18.51 -1.38 -0.15
N ARG A 175 18.79 -0.79 1.02
CA ARG A 175 18.87 -1.55 2.26
C ARG A 175 19.84 -2.72 2.12
N GLY A 176 20.99 -2.45 1.54
CA GLY A 176 22.02 -3.46 1.45
C GLY A 176 21.69 -4.61 0.54
N GLY A 177 20.79 -4.41 -0.43
CA GLY A 177 20.33 -5.45 -1.31
C GLY A 177 19.10 -6.18 -0.83
N LEU A 178 18.61 -5.88 0.37
CA LEU A 178 17.36 -6.45 0.84
C LEU A 178 16.15 -5.73 0.28
N GLY A 179 16.30 -4.47 -0.11
CA GLY A 179 15.24 -3.72 -0.76
C GLY A 179 14.51 -2.75 0.14
N SER A 180 14.45 -1.49 -0.28
CA SER A 180 13.61 -0.50 0.36
C SER A 180 12.19 -1.04 0.46
N ILE A 181 11.54 -0.74 1.58
CA ILE A 181 10.13 -1.06 1.78
C ILE A 181 9.33 0.21 1.58
N PHE A 182 8.56 0.24 0.48
CA PHE A 182 7.74 1.38 0.11
C PHE A 182 6.29 1.09 0.54
N VAL A 183 5.84 1.72 1.62
CA VAL A 183 4.46 1.55 2.11
C VAL A 183 3.64 2.67 1.49
N TRP A 184 2.46 2.32 0.95
CA TRP A 184 1.69 3.22 0.13
C TRP A 184 0.21 3.14 0.47
N ALA A 185 -0.45 4.30 0.51
CA ALA A 185 -1.90 4.35 0.65
C ALA A 185 -2.58 4.09 -0.69
N SER A 186 -3.69 3.33 -0.67
CA SER A 186 -4.32 2.93 -1.93
C SER A 186 -5.17 4.04 -2.56
N GLY A 187 -5.38 5.17 -1.89
CA GLY A 187 -6.10 6.29 -2.49
C GLY A 187 -7.25 6.78 -1.61
N ASN A 188 -7.74 7.99 -1.97
CA ASN A 188 -8.87 8.64 -1.27
C ASN A 188 -10.04 8.97 -2.19
N GLY A 189 -10.16 8.27 -3.32
CA GLY A 189 -11.14 8.58 -4.36
C GLY A 189 -12.50 7.89 -4.27
N GLY A 190 -12.85 7.38 -3.09
CA GLY A 190 -14.08 6.62 -2.95
C GLY A 190 -15.33 7.39 -3.37
N ARG A 191 -15.39 8.68 -3.07
CA ARG A 191 -16.59 9.46 -3.39
C ARG A 191 -16.76 9.63 -4.91
N GLU A 192 -15.65 9.56 -5.63
CA GLU A 192 -15.64 9.65 -7.08
C GLU A 192 -15.72 8.29 -7.76
N HIS A 193 -15.96 7.23 -6.98
CA HIS A 193 -16.03 5.86 -7.49
C HIS A 193 -14.73 5.47 -8.18
N ASP A 194 -13.62 5.94 -7.64
CA ASP A 194 -12.31 5.61 -8.23
C ASP A 194 -11.99 4.14 -7.96
N SER A 195 -11.14 3.58 -8.81
CA SER A 195 -10.80 2.16 -8.80
C SER A 195 -9.27 2.11 -8.83
N CYS A 196 -8.62 1.64 -7.74
CA CYS A 196 -7.25 2.08 -7.52
C CYS A 196 -6.19 1.35 -8.34
N ASN A 197 -6.53 0.31 -9.13
CA ASN A 197 -5.48 -0.16 -10.02
C ASN A 197 -5.15 0.85 -11.10
N CYS A 198 -5.98 1.88 -11.27
CA CYS A 198 -5.69 2.99 -12.18
C CYS A 198 -4.63 3.94 -11.65
N ASP A 199 -4.12 3.68 -10.44
CA ASP A 199 -3.05 4.44 -9.79
C ASP A 199 -1.81 3.56 -9.80
N GLY A 200 -0.84 3.93 -10.66
CA GLY A 200 0.33 3.10 -10.90
C GLY A 200 1.28 3.00 -9.71
N TYR A 201 1.16 3.90 -8.74
CA TYR A 201 2.00 3.82 -7.55
C TYR A 201 1.50 2.72 -6.64
N THR A 202 0.21 2.73 -6.31
CA THR A 202 -0.32 1.66 -5.45
C THR A 202 -0.43 0.35 -6.22
N ASN A 203 -0.67 0.40 -7.53
CA ASN A 203 -0.75 -0.79 -8.37
C ASN A 203 0.59 -1.49 -8.58
N SER A 204 1.70 -0.84 -8.22
CA SER A 204 3.02 -1.44 -8.35
C SER A 204 3.22 -2.62 -7.41
N ILE A 205 3.99 -3.60 -7.88
CA ILE A 205 4.36 -4.71 -7.00
C ILE A 205 5.37 -4.25 -5.97
N TYR A 206 6.09 -3.16 -6.24
CA TYR A 206 7.14 -2.67 -5.36
C TYR A 206 6.62 -1.85 -4.19
N THR A 207 5.34 -1.49 -4.18
CA THR A 207 4.75 -0.80 -3.03
C THR A 207 3.87 -1.79 -2.28
N LEU A 208 3.92 -1.68 -0.97
CA LEU A 208 3.12 -2.51 -0.07
C LEU A 208 1.89 -1.66 0.28
N SER A 209 0.77 -1.97 -0.37
CA SER A 209 -0.35 -1.05 -0.45
C SER A 209 -1.39 -1.36 0.62
N ILE A 210 -1.91 -0.28 1.22
CA ILE A 210 -2.70 -0.32 2.44
C ILE A 210 -3.98 0.49 2.24
N SER A 211 -5.12 -0.09 2.63
CA SER A 211 -6.41 0.58 2.65
C SER A 211 -6.87 0.76 4.11
N SER A 212 -8.08 1.32 4.26
CA SER A 212 -8.59 1.73 5.57
C SER A 212 -9.86 0.98 5.97
N ALA A 213 -10.09 0.93 7.27
CA ALA A 213 -11.34 0.49 7.87
C ALA A 213 -11.75 1.48 8.94
N THR A 214 -13.05 1.68 9.09
CA THR A 214 -13.54 2.56 10.14
C THR A 214 -13.54 1.84 11.50
N GLN A 215 -13.78 2.61 12.55
CA GLN A 215 -13.76 2.04 13.90
C GLN A 215 -14.76 0.90 14.04
N PHE A 216 -15.95 1.03 13.46
CA PHE A 216 -16.96 -0.01 13.57
C PHE A 216 -16.77 -1.13 12.54
N GLY A 217 -15.65 -1.13 11.81
CA GLY A 217 -15.33 -2.22 10.91
C GLY A 217 -15.88 -2.12 9.50
N ASN A 218 -16.16 -0.93 9.02
CA ASN A 218 -16.74 -0.74 7.70
C ASN A 218 -15.78 -0.07 6.74
N VAL A 219 -16.15 -0.11 5.46
CA VAL A 219 -15.38 0.52 4.40
C VAL A 219 -15.70 2.01 4.37
N PRO A 220 -14.73 2.87 4.63
CA PRO A 220 -15.02 4.31 4.73
C PRO A 220 -15.45 4.88 3.39
N TRP A 221 -16.09 6.05 3.48
CA TRP A 221 -16.56 6.73 2.28
C TRP A 221 -15.45 6.98 1.27
N TYR A 222 -14.21 7.25 1.73
CA TYR A 222 -13.10 7.63 0.85
C TYR A 222 -12.35 6.45 0.23
N SER A 223 -12.65 5.23 0.64
CA SER A 223 -11.87 4.06 0.22
C SER A 223 -12.05 3.75 -1.27
N GLU A 224 -10.96 3.30 -1.91
CA GLU A 224 -10.99 2.74 -3.26
C GLU A 224 -10.74 1.25 -3.17
N ALA A 225 -11.55 0.47 -3.87
CA ALA A 225 -11.34 -0.96 -3.98
C ALA A 225 -10.43 -1.27 -5.17
N CYS A 226 -9.51 -2.22 -5.00
CA CYS A 226 -8.77 -2.74 -6.15
C CYS A 226 -8.02 -4.00 -5.75
N SER A 227 -7.66 -4.80 -6.76
CA SER A 227 -6.97 -6.07 -6.53
C SER A 227 -5.51 -5.90 -6.11
N SER A 228 -4.92 -4.73 -6.34
CA SER A 228 -3.52 -4.54 -5.98
C SER A 228 -3.29 -4.30 -4.47
N THR A 229 -4.33 -3.98 -3.71
CA THR A 229 -4.16 -3.74 -2.28
C THR A 229 -3.75 -5.01 -1.54
N LEU A 230 -2.88 -4.87 -0.52
CA LEU A 230 -2.45 -6.03 0.26
C LEU A 230 -3.13 -6.15 1.61
N ALA A 231 -3.36 -5.05 2.34
CA ALA A 231 -3.87 -5.16 3.69
C ALA A 231 -4.47 -3.81 4.12
N THR A 232 -4.90 -3.76 5.39
CA THR A 232 -5.71 -2.65 5.91
C THR A 232 -5.19 -2.20 7.29
N THR A 233 -5.32 -0.92 7.59
CA THR A 233 -5.26 -0.44 8.97
C THR A 233 -6.46 0.46 9.22
N TYR A 234 -6.78 0.64 10.49
CA TYR A 234 -7.84 1.56 10.87
C TYR A 234 -7.52 3.00 10.49
N SER A 235 -8.59 3.73 10.18
CA SER A 235 -8.54 5.18 10.04
C SER A 235 -9.93 5.73 10.36
N SER A 236 -10.28 6.87 9.77
CA SER A 236 -11.50 7.57 10.13
C SER A 236 -12.69 7.04 9.37
N GLY A 237 -13.88 7.50 9.79
CA GLY A 237 -15.15 7.08 9.24
C GLY A 237 -16.19 8.19 9.40
N ASN A 238 -17.35 7.89 9.99
CA ASN A 238 -18.41 8.86 10.16
C ASN A 238 -18.18 9.63 11.48
N GLN A 239 -19.09 10.52 11.83
CA GLN A 239 -18.81 11.43 12.94
C GLN A 239 -19.10 10.80 14.30
N ASN A 240 -19.58 9.55 14.32
CA ASN A 240 -19.72 8.78 15.56
C ASN A 240 -18.53 7.87 15.80
N GLU A 241 -17.63 7.78 14.84
CA GLU A 241 -16.45 6.94 14.89
C GLU A 241 -15.23 7.81 15.17
N LYS A 242 -14.33 7.28 15.98
CA LYS A 242 -13.14 8.02 16.33
C LYS A 242 -12.15 8.03 15.16
N GLN A 243 -11.15 8.91 15.28
CA GLN A 243 -10.20 9.11 14.19
C GLN A 243 -8.78 8.86 14.69
N ILE A 244 -7.78 9.31 13.93
CA ILE A 244 -6.39 9.05 14.27
C ILE A 244 -5.85 10.22 15.10
N VAL A 245 -5.14 9.88 16.18
CA VAL A 245 -4.68 10.82 17.19
C VAL A 245 -3.16 10.89 17.07
N THR A 246 -2.61 12.08 16.87
CA THR A 246 -1.19 12.16 16.54
C THR A 246 -0.67 13.60 16.72
N THR A 247 0.60 13.77 16.41
CA THR A 247 1.27 15.07 16.45
C THR A 247 0.74 15.97 15.35
N ASP A 248 0.68 17.28 15.63
CA ASP A 248 0.17 18.25 14.67
C ASP A 248 1.14 19.42 14.59
N LEU A 249 1.07 20.11 13.45
CA LEU A 249 1.85 21.29 13.23
C LEU A 249 1.66 22.30 14.36
N ARG A 250 2.70 23.09 14.60
CA ARG A 250 2.76 24.09 15.67
C ARG A 250 2.77 23.46 17.06
N GLN A 251 3.44 22.31 17.19
CA GLN A 251 3.75 21.67 18.47
C GLN A 251 2.47 21.29 19.23
N LYS A 252 1.45 20.88 18.48
CA LYS A 252 0.14 20.55 18.99
C LYS A 252 -0.14 19.05 18.81
N CYS A 253 -1.34 18.65 19.23
N CYS A 253 -1.25 18.61 19.37
CA CYS A 253 -1.81 17.25 19.19
CA CYS A 253 -1.78 17.29 19.04
C CYS A 253 -3.22 17.21 18.61
C CYS A 253 -3.04 17.48 18.22
N THR A 254 -3.44 16.39 17.57
CA THR A 254 -4.73 16.34 16.90
C THR A 254 -5.41 15.01 17.21
N GLU A 255 -6.74 15.04 17.26
CA GLU A 255 -7.55 13.85 17.33
C GLU A 255 -8.33 13.61 16.05
N SER A 256 -8.01 14.33 14.96
CA SER A 256 -8.83 14.31 13.74
C SER A 256 -7.98 14.16 12.47
N HIS A 257 -6.99 13.28 12.50
CA HIS A 257 -6.28 12.83 11.30
C HIS A 257 -7.10 11.73 10.64
N THR A 258 -7.18 11.76 9.31
CA THR A 258 -8.23 11.05 8.58
C THR A 258 -7.71 10.44 7.28
N GLY A 259 -8.53 9.57 6.68
CA GLY A 259 -8.31 9.11 5.32
C GLY A 259 -7.30 7.98 5.20
N THR A 260 -7.17 7.48 3.97
CA THR A 260 -6.23 6.40 3.75
C THR A 260 -4.80 6.86 3.97
N SER A 261 -4.54 8.17 3.86
N SER A 261 -4.56 8.17 3.86
CA SER A 261 -3.20 8.69 4.13
CA SER A 261 -3.24 8.71 4.15
C SER A 261 -2.83 8.60 5.61
C SER A 261 -2.83 8.49 5.59
N ALA A 262 -3.79 8.37 6.50
CA ALA A 262 -3.48 8.04 7.89
C ALA A 262 -3.26 6.54 8.11
N SER A 263 -3.71 5.69 7.19
CA SER A 263 -3.51 4.24 7.33
C SER A 263 -2.09 3.82 6.93
N ALA A 264 -1.53 4.41 5.89
CA ALA A 264 -0.21 3.95 5.46
C ALA A 264 0.84 4.17 6.55
N PRO A 265 0.86 5.30 7.29
CA PRO A 265 1.87 5.44 8.34
C PRO A 265 1.72 4.44 9.46
N LEU A 266 0.50 4.08 9.84
CA LEU A 266 0.33 3.03 10.85
C LEU A 266 0.92 1.71 10.35
N ALA A 267 0.67 1.38 9.08
CA ALA A 267 1.30 0.20 8.50
C ALA A 267 2.83 0.31 8.55
N ALA A 268 3.37 1.47 8.20
CA ALA A 268 4.83 1.63 8.21
C ALA A 268 5.40 1.41 9.60
N GLY A 269 4.67 1.84 10.63
CA GLY A 269 5.10 1.56 11.99
C GLY A 269 5.12 0.09 12.34
N ILE A 270 4.06 -0.63 11.96
CA ILE A 270 4.02 -2.08 12.20
C ILE A 270 5.17 -2.78 11.47
N ILE A 271 5.44 -2.36 10.24
CA ILE A 271 6.54 -2.93 9.47
C ILE A 271 7.88 -2.62 10.13
N ALA A 272 7.99 -1.47 10.81
CA ALA A 272 9.22 -1.16 11.54
C ALA A 272 9.42 -2.09 12.74
N LEU A 273 8.36 -2.39 13.48
CA LEU A 273 8.47 -3.38 14.55
C LEU A 273 8.92 -4.72 14.00
N THR A 274 8.36 -5.09 12.84
CA THR A 274 8.66 -6.39 12.22
C THR A 274 10.11 -6.45 11.77
N LEU A 275 10.62 -5.38 11.18
CA LEU A 275 12.02 -5.35 10.76
C LEU A 275 12.94 -5.41 11.97
N GLU A 276 12.55 -4.81 13.11
CA GLU A 276 13.37 -4.97 14.31
C GLU A 276 13.47 -6.43 14.69
N ALA A 277 12.37 -7.18 14.53
CA ALA A 277 12.33 -8.59 14.90
C ALA A 277 13.17 -9.44 13.95
N ASN A 278 13.35 -9.01 12.71
CA ASN A 278 14.22 -9.72 11.76
C ASN A 278 14.73 -8.71 10.74
N LYS A 279 15.95 -8.20 10.97
CA LYS A 279 16.53 -7.16 10.13
C LYS A 279 16.91 -7.65 8.75
N ASN A 280 16.88 -8.97 8.52
N ASN A 280 16.90 -8.96 8.51
CA ASN A 280 17.31 -9.57 7.27
CA ASN A 280 17.32 -9.51 7.23
C ASN A 280 16.15 -9.82 6.31
C ASN A 280 16.15 -9.87 6.33
N LEU A 281 14.94 -9.39 6.66
CA LEU A 281 13.79 -9.57 5.77
C LEU A 281 13.96 -8.75 4.50
N THR A 282 13.61 -9.35 3.36
CA THR A 282 13.63 -8.61 2.11
C THR A 282 12.32 -7.87 1.91
N TRP A 283 12.29 -7.02 0.88
CA TRP A 283 11.04 -6.35 0.54
C TRP A 283 9.95 -7.35 0.19
N ARG A 284 10.32 -8.48 -0.44
CA ARG A 284 9.33 -9.52 -0.72
C ARG A 284 8.95 -10.30 0.54
N ASP A 285 9.93 -10.66 1.38
CA ASP A 285 9.59 -11.29 2.65
C ASP A 285 8.50 -10.50 3.38
N MET A 286 8.65 -9.18 3.42
CA MET A 286 7.73 -8.37 4.19
C MET A 286 6.30 -8.48 3.64
N GLN A 287 6.18 -8.53 2.31
CA GLN A 287 4.86 -8.72 1.71
C GLN A 287 4.29 -10.08 2.05
N HIS A 288 5.13 -11.13 2.04
CA HIS A 288 4.66 -12.45 2.45
C HIS A 288 4.14 -12.44 3.88
N LEU A 289 4.86 -11.79 4.79
CA LEU A 289 4.42 -11.76 6.18
C LEU A 289 3.06 -11.09 6.31
N VAL A 290 2.84 -10.00 5.57
CA VAL A 290 1.55 -9.33 5.58
C VAL A 290 0.44 -10.25 5.09
N VAL A 291 0.67 -10.97 3.98
CA VAL A 291 -0.34 -11.89 3.45
C VAL A 291 -0.69 -12.96 4.49
N GLN A 292 0.32 -13.54 5.15
CA GLN A 292 0.08 -14.67 6.02
C GLN A 292 -0.59 -14.29 7.34
N THR A 293 -0.35 -13.08 7.86
CA THR A 293 -0.76 -12.73 9.22
C THR A 293 -1.96 -11.80 9.29
N SER A 294 -2.39 -11.22 8.18
CA SER A 294 -3.45 -10.22 8.30
C SER A 294 -4.80 -10.91 8.48
N LYS A 295 -5.73 -10.19 9.09
CA LYS A 295 -6.90 -10.77 9.73
C LYS A 295 -8.18 -10.19 9.15
N PRO A 296 -9.01 -10.99 8.50
CA PRO A 296 -10.31 -10.47 8.01
C PRO A 296 -11.31 -10.23 9.11
N ALA A 297 -11.13 -10.86 10.27
CA ALA A 297 -12.20 -10.95 11.26
C ALA A 297 -12.72 -9.56 11.60
N HIS A 298 -14.03 -9.40 11.53
CA HIS A 298 -14.73 -8.19 11.96
C HIS A 298 -14.57 -7.03 10.99
N LEU A 299 -14.04 -7.23 9.81
CA LEU A 299 -14.14 -6.22 8.75
C LEU A 299 -15.28 -6.60 7.84
N ASN A 300 -16.20 -5.66 7.61
CA ASN A 300 -17.43 -5.89 6.88
C ASN A 300 -17.24 -5.53 5.41
N ALA A 301 -17.51 -6.49 4.53
CA ALA A 301 -17.44 -6.26 3.09
C ALA A 301 -18.28 -7.34 2.43
N ASN A 302 -18.91 -6.99 1.32
CA ASN A 302 -19.72 -7.98 0.63
C ASN A 302 -18.91 -8.79 -0.38
N ASP A 303 -17.60 -8.59 -0.47
CA ASP A 303 -16.80 -9.29 -1.46
C ASP A 303 -15.72 -10.19 -0.87
N TRP A 304 -15.84 -10.60 0.40
CA TRP A 304 -14.86 -11.53 0.94
C TRP A 304 -14.95 -12.83 0.17
N ALA A 305 -13.84 -13.27 -0.39
CA ALA A 305 -13.81 -14.50 -1.18
C ALA A 305 -12.61 -15.34 -0.77
N THR A 306 -12.79 -16.65 -0.76
CA THR A 306 -11.69 -17.54 -0.42
C THR A 306 -10.90 -17.88 -1.68
N ASN A 307 -9.58 -17.67 -1.63
CA ASN A 307 -8.75 -17.92 -2.81
C ASN A 307 -8.31 -19.40 -2.84
N GLY A 308 -7.38 -19.72 -3.73
CA GLY A 308 -7.06 -21.12 -3.97
C GLY A 308 -6.24 -21.77 -2.88
N VAL A 309 -5.69 -20.99 -1.96
CA VAL A 309 -4.94 -21.55 -0.84
C VAL A 309 -5.68 -21.30 0.48
N GLY A 310 -6.96 -21.00 0.40
CA GLY A 310 -7.81 -20.96 1.57
C GLY A 310 -7.80 -19.66 2.35
N ARG A 311 -7.20 -18.60 1.81
CA ARG A 311 -7.22 -17.30 2.47
C ARG A 311 -8.40 -16.46 1.99
N LYS A 312 -9.00 -15.71 2.91
CA LYS A 312 -10.03 -14.75 2.53
C LYS A 312 -9.40 -13.45 2.06
N VAL A 313 -9.93 -12.89 0.97
CA VAL A 313 -9.41 -11.66 0.37
C VAL A 313 -10.58 -10.82 -0.09
N SER A 314 -10.43 -9.51 0.08
CA SER A 314 -11.40 -8.50 -0.33
C SER A 314 -10.67 -7.44 -1.15
N HIS A 315 -11.38 -6.85 -2.10
CA HIS A 315 -10.80 -5.73 -2.83
C HIS A 315 -10.80 -4.44 -2.02
N SER A 316 -11.61 -4.35 -0.97
CA SER A 316 -11.54 -3.17 -0.08
C SER A 316 -10.40 -3.30 0.93
N TYR A 317 -10.09 -4.51 1.37
CA TYR A 317 -9.23 -4.72 2.51
C TYR A 317 -7.99 -5.57 2.23
N GLY A 318 -7.84 -6.11 1.03
CA GLY A 318 -6.76 -7.06 0.81
C GLY A 318 -6.98 -8.27 1.70
N TYR A 319 -5.91 -8.69 2.38
CA TYR A 319 -5.96 -9.84 3.27
C TYR A 319 -6.49 -9.48 4.66
N GLY A 320 -6.83 -8.23 4.90
CA GLY A 320 -7.44 -7.87 6.17
C GLY A 320 -6.62 -6.89 6.99
N LEU A 321 -6.95 -6.81 8.28
N LEU A 321 -6.98 -6.79 8.28
CA LEU A 321 -6.29 -5.89 9.20
CA LEU A 321 -6.28 -5.92 9.20
C LEU A 321 -4.90 -6.38 9.56
C LEU A 321 -4.88 -6.41 9.49
N LEU A 322 -3.92 -5.49 9.50
CA LEU A 322 -2.59 -5.83 10.01
C LEU A 322 -2.67 -6.22 11.49
N ASP A 323 -1.81 -7.17 11.86
CA ASP A 323 -1.74 -7.75 13.20
C ASP A 323 -0.25 -7.70 13.61
N ALA A 324 0.08 -6.66 14.39
CA ALA A 324 1.49 -6.44 14.71
C ALA A 324 2.08 -7.58 15.51
N GLY A 325 1.35 -8.10 16.50
CA GLY A 325 1.89 -9.19 17.28
C GLY A 325 2.19 -10.42 16.45
N ALA A 326 1.32 -10.72 15.48
CA ALA A 326 1.55 -11.88 14.63
C ALA A 326 2.70 -11.62 13.67
N MET A 327 2.80 -10.40 13.16
CA MET A 327 3.89 -10.03 12.25
C MET A 327 5.25 -10.26 12.90
N VAL A 328 5.45 -9.73 14.12
CA VAL A 328 6.77 -9.82 14.74
C VAL A 328 7.06 -11.25 15.15
N ALA A 329 6.04 -12.00 15.55
CA ALA A 329 6.25 -13.40 15.92
C ALA A 329 6.69 -14.23 14.71
N LEU A 330 6.01 -14.05 13.58
CA LEU A 330 6.35 -14.83 12.39
C LEU A 330 7.67 -14.39 11.78
N ALA A 331 8.02 -13.12 11.91
CA ALA A 331 9.28 -12.63 11.37
C ALA A 331 10.49 -13.34 11.98
N GLN A 332 10.41 -13.71 13.27
CA GLN A 332 11.65 -14.05 13.99
C GLN A 332 12.37 -15.24 13.37
N ASN A 333 11.65 -16.29 13.02
CA ASN A 333 12.28 -17.46 12.41
C ASN A 333 12.00 -17.59 10.91
N TRP A 334 11.58 -16.52 10.26
CA TRP A 334 11.21 -16.57 8.84
C TRP A 334 12.41 -16.91 7.96
N THR A 335 12.21 -17.87 7.05
CA THR A 335 13.23 -18.22 6.07
C THR A 335 13.07 -17.37 4.82
N THR A 336 14.16 -16.72 4.41
CA THR A 336 14.15 -15.85 3.26
C THR A 336 13.55 -16.58 2.06
N VAL A 337 12.64 -15.90 1.37
N VAL A 337 12.68 -15.88 1.34
CA VAL A 337 12.06 -16.53 0.18
CA VAL A 337 12.04 -16.45 0.16
C VAL A 337 13.11 -16.68 -0.90
C VAL A 337 13.06 -16.60 -0.96
N ALA A 338 12.81 -17.56 -1.85
CA ALA A 338 13.72 -17.82 -2.96
C ALA A 338 13.76 -16.62 -3.89
N PRO A 339 14.78 -16.54 -4.75
CA PRO A 339 14.85 -15.40 -5.69
C PRO A 339 13.59 -15.31 -6.55
N GLN A 340 13.23 -14.07 -6.90
CA GLN A 340 12.02 -13.79 -7.64
C GLN A 340 12.18 -14.19 -9.09
N ARG A 341 11.27 -15.05 -9.55
CA ARG A 341 11.13 -15.41 -10.96
C ARG A 341 10.02 -14.59 -11.61
N LYS A 342 10.12 -14.46 -12.93
CA LYS A 342 9.20 -13.67 -13.74
C LYS A 342 8.92 -14.45 -15.01
N CYS A 343 7.67 -14.89 -15.18
CA CYS A 343 7.24 -15.67 -16.34
C CYS A 343 6.31 -14.80 -17.20
N ILE A 344 6.74 -14.53 -18.42
CA ILE A 344 6.05 -13.64 -19.37
C ILE A 344 5.29 -14.51 -20.37
N ILE A 345 3.98 -14.31 -20.48
CA ILE A 345 3.14 -15.08 -21.41
C ILE A 345 2.36 -14.09 -22.26
N ASP A 346 2.76 -13.95 -23.52
CA ASP A 346 2.02 -13.12 -24.45
C ASP A 346 0.86 -13.95 -25.01
N ILE A 347 -0.37 -13.46 -24.82
CA ILE A 347 -1.55 -14.33 -24.93
C ILE A 347 -2.17 -14.30 -26.32
N LEU A 348 -2.39 -13.12 -26.92
CA LEU A 348 -3.18 -13.03 -28.16
C LEU A 348 -2.39 -13.41 -29.42
N THR A 349 -3.05 -14.14 -30.33
CA THR A 349 -2.53 -14.36 -31.67
C THR A 349 -3.11 -13.39 -32.70
N GLU A 350 -4.09 -12.59 -32.31
CA GLU A 350 -4.76 -11.64 -33.17
C GLU A 350 -5.49 -10.64 -32.28
N PRO A 351 -5.74 -9.43 -32.76
CA PRO A 351 -6.56 -8.49 -31.97
C PRO A 351 -7.99 -8.99 -31.86
N LYS A 352 -8.63 -8.60 -30.76
CA LYS A 352 -9.97 -9.07 -30.43
C LYS A 352 -10.93 -7.89 -30.26
N ASP A 353 -12.04 -7.93 -30.99
CA ASP A 353 -13.09 -6.94 -30.82
C ASP A 353 -13.70 -7.07 -29.42
N ILE A 354 -13.92 -5.92 -28.77
CA ILE A 354 -14.48 -5.93 -27.42
C ILE A 354 -16.01 -5.89 -27.50
N GLY A 355 -16.56 -4.88 -28.17
CA GLY A 355 -18.02 -4.81 -28.23
C GLY A 355 -18.64 -4.79 -26.84
N LYS A 356 -19.72 -5.55 -26.66
CA LYS A 356 -20.44 -5.57 -25.38
C LYS A 356 -19.70 -6.37 -24.31
N ARG A 357 -18.96 -7.39 -24.74
CA ARG A 357 -18.31 -8.31 -23.82
C ARG A 357 -17.29 -9.12 -24.59
N LEU A 358 -16.14 -9.32 -23.98
CA LEU A 358 -15.07 -10.15 -24.51
C LEU A 358 -14.54 -11.04 -23.39
N GLU A 359 -14.35 -12.30 -23.72
CA GLU A 359 -13.71 -13.27 -22.83
C GLU A 359 -12.52 -13.87 -23.57
N VAL A 360 -11.35 -13.88 -22.92
CA VAL A 360 -10.15 -14.50 -23.46
C VAL A 360 -9.70 -15.59 -22.49
N ARG A 361 -9.66 -16.83 -22.97
N ARG A 361 -9.65 -16.83 -22.97
CA ARG A 361 -9.20 -17.96 -22.16
CA ARG A 361 -9.21 -17.97 -22.17
C ARG A 361 -7.83 -18.41 -22.66
C ARG A 361 -7.87 -18.46 -22.69
N LYS A 362 -6.91 -18.69 -21.75
N LYS A 362 -6.92 -18.68 -21.79
CA LYS A 362 -5.62 -19.23 -22.15
CA LYS A 362 -5.63 -19.25 -22.20
C LYS A 362 -5.15 -20.21 -21.09
C LYS A 362 -5.15 -20.20 -21.11
N THR A 363 -4.74 -21.40 -21.53
CA THR A 363 -4.12 -22.37 -20.64
C THR A 363 -2.61 -22.18 -20.72
N VAL A 364 -1.96 -21.95 -19.57
CA VAL A 364 -0.53 -21.70 -19.53
C VAL A 364 0.19 -22.77 -18.72
N THR A 365 1.48 -22.97 -19.02
CA THR A 365 2.35 -23.84 -18.24
C THR A 365 3.22 -23.08 -17.23
N ALA A 366 3.14 -21.75 -17.21
CA ALA A 366 3.90 -20.94 -16.25
C ALA A 366 5.40 -21.23 -16.33
N CYS A 367 5.90 -21.26 -17.58
CA CYS A 367 7.31 -21.37 -17.89
C CYS A 367 7.88 -22.71 -17.43
N LEU A 368 7.06 -23.76 -17.54
CA LEU A 368 7.52 -25.11 -17.27
C LEU A 368 8.79 -25.42 -18.06
N GLY A 369 9.76 -26.03 -17.37
CA GLY A 369 11.02 -26.41 -17.99
C GLY A 369 12.06 -25.30 -18.02
N GLU A 370 11.69 -24.08 -17.64
CA GLU A 370 12.56 -22.92 -17.72
C GLU A 370 13.03 -22.47 -16.34
N PRO A 371 14.11 -21.70 -16.27
CA PRO A 371 14.53 -21.15 -14.96
C PRO A 371 13.48 -20.25 -14.33
N ASN A 372 12.54 -19.73 -15.11
CA ASN A 372 11.51 -18.87 -14.54
C ASN A 372 10.22 -19.62 -14.28
N HIS A 373 10.26 -20.96 -14.27
CA HIS A 373 9.09 -21.75 -13.90
C HIS A 373 8.58 -21.31 -12.53
N ILE A 374 7.28 -21.05 -12.43
CA ILE A 374 6.66 -20.59 -11.19
C ILE A 374 5.57 -21.58 -10.79
N THR A 375 5.68 -22.16 -9.60
CA THR A 375 4.59 -22.94 -9.03
C THR A 375 3.98 -22.29 -7.80
N ARG A 376 4.55 -21.18 -7.34
CA ARG A 376 4.11 -20.44 -6.15
C ARG A 376 4.06 -18.97 -6.53
N LEU A 377 2.86 -18.48 -6.84
CA LEU A 377 2.70 -17.12 -7.31
C LEU A 377 2.83 -16.12 -6.17
N GLU A 378 3.30 -14.92 -6.53
CA GLU A 378 3.23 -13.75 -5.67
C GLU A 378 2.25 -12.81 -6.37
N HIS A 379 2.71 -11.76 -7.01
CA HIS A 379 1.89 -10.87 -7.81
C HIS A 379 1.67 -11.45 -9.20
N ALA A 380 0.51 -11.14 -9.77
CA ALA A 380 0.25 -11.36 -11.19
C ALA A 380 -0.25 -10.08 -11.83
N GLN A 381 0.14 -9.87 -13.08
CA GLN A 381 -0.32 -8.73 -13.86
C GLN A 381 -0.97 -9.21 -15.15
N ALA A 382 -2.04 -8.54 -15.55
CA ALA A 382 -2.57 -8.61 -16.89
C ALA A 382 -2.22 -7.27 -17.53
N ARG A 383 -1.21 -7.26 -18.40
CA ARG A 383 -0.77 -6.03 -19.04
C ARG A 383 -1.57 -5.89 -20.34
N LEU A 384 -2.47 -4.91 -20.36
CA LEU A 384 -3.45 -4.79 -21.42
C LEU A 384 -3.24 -3.54 -22.25
N THR A 385 -3.36 -3.71 -23.56
CA THR A 385 -3.41 -2.61 -24.52
C THR A 385 -4.74 -2.71 -25.26
N LEU A 386 -5.56 -1.67 -25.16
CA LEU A 386 -6.87 -1.69 -25.78
C LEU A 386 -7.32 -0.28 -26.07
N SER A 387 -8.17 -0.16 -27.09
CA SER A 387 -8.91 1.05 -27.40
C SER A 387 -10.37 0.86 -26.98
N TYR A 388 -11.00 1.95 -26.57
CA TYR A 388 -12.42 1.91 -26.27
C TYR A 388 -12.93 3.34 -26.32
N ASN A 389 -14.20 3.51 -26.67
CA ASN A 389 -14.74 4.85 -26.85
C ASN A 389 -15.04 5.56 -25.53
N ARG A 390 -15.39 4.84 -24.46
CA ARG A 390 -15.56 5.46 -23.13
C ARG A 390 -14.98 4.53 -22.08
N ARG A 391 -13.83 4.90 -21.54
CA ARG A 391 -13.02 3.96 -20.75
C ARG A 391 -13.74 3.52 -19.49
N GLY A 392 -14.43 4.46 -18.82
CA GLY A 392 -15.07 4.17 -17.55
C GLY A 392 -16.27 3.26 -17.62
N ASP A 393 -16.78 2.94 -18.82
CA ASP A 393 -17.83 1.93 -18.88
C ASP A 393 -17.29 0.50 -18.80
N LEU A 394 -15.97 0.31 -18.87
CA LEU A 394 -15.40 -1.03 -18.82
C LEU A 394 -15.23 -1.52 -17.39
N ALA A 395 -15.55 -2.81 -17.20
CA ALA A 395 -15.15 -3.56 -16.02
C ALA A 395 -14.34 -4.75 -16.53
N ILE A 396 -13.25 -5.06 -15.83
CA ILE A 396 -12.31 -6.11 -16.26
C ILE A 396 -12.06 -7.03 -15.08
N HIS A 397 -12.17 -8.33 -15.32
CA HIS A 397 -11.87 -9.36 -14.33
C HIS A 397 -10.87 -10.36 -14.89
N LEU A 398 -10.12 -10.96 -13.98
CA LEU A 398 -9.13 -11.99 -14.30
C LEU A 398 -9.33 -13.14 -13.34
N VAL A 399 -9.54 -14.34 -13.87
CA VAL A 399 -9.76 -15.53 -13.06
C VAL A 399 -8.55 -16.45 -13.16
N SER A 400 -8.00 -16.85 -12.01
CA SER A 400 -6.87 -17.74 -11.97
C SER A 400 -7.32 -19.18 -12.18
N PRO A 401 -6.39 -20.08 -12.48
CA PRO A 401 -6.78 -21.50 -12.62
C PRO A 401 -7.42 -22.08 -11.38
N MET A 402 -7.08 -21.54 -10.21
N MET A 402 -7.09 -21.55 -10.21
CA MET A 402 -7.69 -22.00 -8.96
CA MET A 402 -7.71 -22.01 -8.97
C MET A 402 -9.07 -21.39 -8.72
C MET A 402 -9.02 -21.31 -8.67
N GLY A 403 -9.58 -20.57 -9.63
CA GLY A 403 -10.91 -20.02 -9.53
C GLY A 403 -11.02 -18.67 -8.86
N THR A 404 -9.89 -18.00 -8.57
CA THR A 404 -9.92 -16.74 -7.84
C THR A 404 -10.19 -15.62 -8.84
N ARG A 405 -11.32 -14.93 -8.67
N ARG A 405 -11.34 -14.97 -8.68
CA ARG A 405 -11.75 -13.89 -9.61
CA ARG A 405 -11.76 -13.88 -9.56
C ARG A 405 -11.32 -12.53 -9.10
C ARG A 405 -11.21 -12.58 -8.99
N SER A 406 -10.25 -11.99 -9.68
CA SER A 406 -9.72 -10.68 -9.34
C SER A 406 -10.42 -9.64 -10.20
N THR A 407 -10.96 -8.60 -9.56
CA THR A 407 -11.39 -7.42 -10.33
C THR A 407 -10.15 -6.61 -10.69
N LEU A 408 -9.86 -6.50 -11.98
CA LEU A 408 -8.76 -5.64 -12.41
C LEU A 408 -9.20 -4.19 -12.56
N LEU A 409 -10.46 -3.96 -12.94
CA LEU A 409 -10.98 -2.61 -13.15
C LEU A 409 -12.47 -2.64 -12.91
N ALA A 410 -12.96 -1.75 -12.04
CA ALA A 410 -14.40 -1.56 -11.90
C ALA A 410 -14.83 -0.38 -12.78
N ALA A 411 -16.13 -0.38 -13.12
CA ALA A 411 -16.69 0.77 -13.85
C ALA A 411 -16.41 2.05 -13.09
N ARG A 412 -15.96 3.07 -13.82
CA ARG A 412 -15.69 4.40 -13.25
C ARG A 412 -16.57 5.40 -13.97
N PRO A 413 -17.67 5.84 -13.35
CA PRO A 413 -18.65 6.64 -14.12
C PRO A 413 -18.12 7.96 -14.62
N HIS A 414 -17.14 8.57 -13.95
CA HIS A 414 -16.60 9.84 -14.41
C HIS A 414 -15.53 9.72 -15.49
N ASP A 415 -15.07 8.51 -15.80
CA ASP A 415 -13.97 8.33 -16.75
C ASP A 415 -14.51 8.31 -18.17
N TYR A 416 -14.55 9.49 -18.80
CA TYR A 416 -15.03 9.63 -20.17
C TYR A 416 -13.92 9.46 -21.21
N SER A 417 -12.70 9.09 -20.80
CA SER A 417 -11.58 9.05 -21.72
C SER A 417 -11.82 8.14 -22.92
N ALA A 418 -11.37 8.60 -24.08
CA ALA A 418 -11.34 7.78 -25.28
C ALA A 418 -9.94 7.23 -25.54
N ASP A 419 -9.03 7.35 -24.60
CA ASP A 419 -7.63 6.98 -24.81
C ASP A 419 -7.30 5.54 -24.42
N GLY A 420 -8.24 4.82 -23.82
CA GLY A 420 -7.98 3.40 -23.58
C GLY A 420 -6.87 3.13 -22.59
N PHE A 421 -6.27 1.95 -22.72
CA PHE A 421 -5.15 1.54 -21.88
C PHE A 421 -3.96 1.17 -22.76
N ASN A 422 -2.79 1.69 -22.40
CA ASN A 422 -1.58 1.49 -23.19
C ASN A 422 -0.59 0.67 -22.37
N ASP A 423 -0.62 -0.65 -22.57
CA ASP A 423 0.17 -1.62 -21.82
C ASP A 423 0.09 -1.37 -20.32
N TRP A 424 -1.14 -1.20 -19.83
CA TRP A 424 -1.36 -0.93 -18.41
C TRP A 424 -1.31 -2.23 -17.63
N ALA A 425 -0.43 -2.32 -16.62
CA ALA A 425 -0.17 -3.57 -15.93
C ALA A 425 -1.05 -3.72 -14.68
N PHE A 426 -2.34 -4.00 -14.93
CA PHE A 426 -3.28 -4.29 -13.85
C PHE A 426 -2.75 -5.41 -12.97
N MET A 427 -2.71 -5.20 -11.66
CA MET A 427 -2.05 -6.13 -10.77
C MET A 427 -2.99 -6.68 -9.71
N THR A 428 -2.88 -7.99 -9.44
CA THR A 428 -3.62 -8.59 -8.35
C THR A 428 -2.71 -9.32 -7.38
N THR A 429 -3.05 -9.19 -6.10
CA THR A 429 -2.40 -9.91 -5.01
C THR A 429 -3.24 -11.09 -4.55
N HIS A 430 -4.44 -11.26 -5.09
CA HIS A 430 -5.42 -12.20 -4.55
C HIS A 430 -5.10 -13.67 -4.84
N SER A 431 -4.15 -13.96 -5.73
CA SER A 431 -3.75 -15.34 -6.04
C SER A 431 -2.38 -15.69 -5.47
N TRP A 432 -1.90 -14.88 -4.52
CA TRP A 432 -0.67 -15.15 -3.80
C TRP A 432 -0.64 -16.58 -3.26
N ASP A 433 0.48 -17.27 -3.52
CA ASP A 433 0.80 -18.65 -3.14
C ASP A 433 0.03 -19.70 -3.95
N GLU A 434 -0.85 -19.31 -4.87
CA GLU A 434 -1.46 -20.27 -5.79
C GLU A 434 -0.45 -20.77 -6.82
N ASP A 435 -0.70 -21.98 -7.32
CA ASP A 435 -0.02 -22.48 -8.51
C ASP A 435 -0.68 -21.87 -9.74
N PRO A 436 0.05 -21.12 -10.57
CA PRO A 436 -0.57 -20.43 -11.70
C PRO A 436 -0.69 -21.25 -12.98
N SER A 437 -0.30 -22.53 -12.94
CA SER A 437 -0.48 -23.39 -14.09
C SER A 437 -1.96 -23.65 -14.34
N GLY A 438 -2.35 -23.65 -15.61
CA GLY A 438 -3.71 -23.95 -15.99
C GLY A 438 -4.39 -22.83 -16.75
N GLU A 439 -5.72 -22.82 -16.74
CA GLU A 439 -6.49 -21.87 -17.53
C GLU A 439 -6.73 -20.57 -16.77
N TRP A 440 -6.31 -19.47 -17.37
CA TRP A 440 -6.64 -18.13 -16.93
C TRP A 440 -7.72 -17.59 -17.84
N VAL A 441 -8.61 -16.77 -17.26
CA VAL A 441 -9.73 -16.18 -18.00
C VAL A 441 -9.69 -14.67 -17.79
N LEU A 442 -9.68 -13.92 -18.89
CA LEU A 442 -9.84 -12.47 -18.86
C LEU A 442 -11.24 -12.13 -19.35
N GLU A 443 -11.94 -11.31 -18.59
CA GLU A 443 -13.27 -10.83 -18.96
C GLU A 443 -13.22 -9.31 -19.08
N ILE A 444 -13.71 -8.78 -20.19
CA ILE A 444 -13.86 -7.35 -20.40
C ILE A 444 -15.31 -7.10 -20.77
N GLU A 445 -15.99 -6.23 -20.03
CA GLU A 445 -17.42 -6.04 -20.24
C GLU A 445 -17.78 -4.56 -20.28
N ASN A 446 -18.70 -4.23 -21.17
CA ASN A 446 -19.33 -2.91 -21.20
C ASN A 446 -20.49 -2.89 -20.20
N THR A 447 -20.34 -2.13 -19.12
CA THR A 447 -21.35 -2.09 -18.08
C THR A 447 -22.47 -1.11 -18.38
N SER A 448 -22.39 -0.37 -19.47
N SER A 448 -22.39 -0.38 -19.48
CA SER A 448 -23.42 0.60 -19.83
CA SER A 448 -23.39 0.61 -19.88
C SER A 448 -24.34 0.02 -20.90
C SER A 448 -24.33 0.03 -20.92
N GLU A 449 -25.52 0.64 -21.03
CA GLU A 449 -26.44 0.25 -22.09
C GLU A 449 -26.04 0.86 -23.43
N ALA A 450 -25.04 1.72 -23.45
CA ALA A 450 -24.55 2.34 -24.68
C ALA A 450 -23.88 1.32 -25.61
N ASN A 451 -23.96 1.61 -26.91
N ASN A 451 -23.94 1.63 -26.91
CA ASN A 451 -23.30 0.80 -27.93
CA ASN A 451 -23.30 0.78 -27.92
C ASN A 451 -21.85 1.26 -28.04
C ASN A 451 -21.83 1.19 -28.06
N ASN A 452 -21.07 0.88 -27.02
CA ASN A 452 -19.65 1.18 -26.98
C ASN A 452 -18.86 0.16 -27.81
N TYR A 453 -17.63 0.55 -28.18
CA TYR A 453 -16.85 -0.23 -29.12
C TYR A 453 -15.35 -0.03 -28.89
N GLY A 454 -14.59 -1.06 -29.26
CA GLY A 454 -13.14 -0.98 -29.15
C GLY A 454 -12.52 -2.34 -29.39
N THR A 455 -11.20 -2.40 -29.21
CA THR A 455 -10.38 -3.55 -29.59
C THR A 455 -9.29 -3.80 -28.56
N LEU A 456 -9.14 -5.06 -28.16
CA LEU A 456 -8.00 -5.49 -27.36
C LEU A 456 -6.87 -5.93 -28.30
N THR A 457 -5.72 -5.26 -28.23
CA THR A 457 -4.64 -5.61 -29.14
C THR A 457 -3.46 -6.31 -28.50
N LYS A 458 -3.32 -6.27 -27.16
CA LYS A 458 -2.26 -7.01 -26.48
C LYS A 458 -2.74 -7.38 -25.09
N PHE A 459 -2.51 -8.65 -24.72
CA PHE A 459 -2.73 -9.14 -23.38
C PHE A 459 -1.51 -9.95 -22.99
N THR A 460 -0.65 -9.38 -22.13
CA THR A 460 0.49 -10.11 -21.58
C THR A 460 0.18 -10.51 -20.14
N LEU A 461 0.20 -11.81 -19.86
CA LEU A 461 0.11 -12.28 -18.48
C LEU A 461 1.52 -12.35 -17.92
N VAL A 462 1.77 -11.63 -16.83
CA VAL A 462 3.09 -11.61 -16.22
C VAL A 462 2.94 -12.19 -14.82
N LEU A 463 3.65 -13.27 -14.57
CA LEU A 463 3.59 -13.96 -13.29
C LEU A 463 4.91 -13.75 -12.57
N TYR A 464 4.84 -13.39 -11.29
CA TYR A 464 6.01 -13.33 -10.42
C TYR A 464 5.88 -14.39 -9.34
N GLY A 465 7.01 -14.93 -8.89
CA GLY A 465 6.98 -15.87 -7.77
C GLY A 465 8.17 -16.82 -7.77
N THR A 466 7.95 -17.99 -7.18
CA THR A 466 9.02 -18.95 -6.95
C THR A 466 8.53 -20.35 -7.30
N ALA A 467 9.39 -21.33 -7.08
CA ALA A 467 9.07 -22.74 -7.31
C ALA A 467 9.39 -23.59 -6.08
N SER A 468 9.31 -23.01 -4.88
CA SER A 468 9.63 -23.75 -3.66
C SER A 468 8.91 -23.17 -2.45
N1 UYQ B . 0.26 16.85 1.96
C7 UYQ B . -3.18 9.35 -5.04
C8 UYQ B . -3.56 15.16 -3.94
N2 UYQ B . -1.09 18.16 0.64
C9 UYQ B . -3.27 16.22 -3.10
C1 UYQ B . -2.11 17.18 -1.12
C5 UYQ B . -3.02 13.89 -3.72
C6 UYQ B . -3.43 12.76 -4.55
N3 UYQ B . -1.33 17.03 -0.12
C4 UYQ B . -2.18 13.73 -2.62
C3 UYQ B . -1.89 14.79 -1.78
C2 UYQ B . -2.43 16.05 -2.00
N4 UYQ B . -3.11 11.56 -4.27
N UYQ B . -0.01 19.08 2.46
C UYQ B . -0.27 18.02 1.70
N5 UYQ B . -3.47 10.65 -5.24
N6 UYQ B . -2.67 8.97 -3.88
N7 UYQ B . -3.32 8.51 -6.03
H4 UYQ B . 0.89 16.69 2.76
H5 UYQ B . 0.09 16.02 1.40
H14 UYQ B . -4.23 15.34 -4.79
H6 UYQ B . -1.51 19.05 0.42
H15 UYQ B . -3.73 17.18 -3.31
H7 UYQ B . -2.60 18.11 -1.41
H10 UYQ B . -4.02 13.08 -5.41
H9 UYQ B . -1.73 12.77 -2.41
H8 UYQ B . -1.22 14.62 -0.94
H1 UYQ B . -0.41 19.99 2.27
H11 UYQ B . -3.93 10.94 -6.09
H2 UYQ B . -2.55 9.58 -3.09
H13 UYQ B . -3.71 8.79 -6.93
H12 UYQ B . -3.05 7.54 -5.98
H UYQ B . 0.60 19.03 3.27
H3 UYQ B . -2.36 8.02 -3.68
N1 UYQ C . 2.35 10.46 -12.04
C7 UYQ C . -0.93 19.69 -3.21
C8 UYQ C . 0.89 15.64 -5.77
N2 UYQ C . 2.10 11.70 -10.13
C9 UYQ C . 1.58 14.64 -6.43
C1 UYQ C . 1.79 13.00 -8.30
C5 UYQ C . -0.39 16.01 -6.16
C6 UYQ C . -1.10 17.14 -5.55
N3 UYQ C . 1.28 12.50 -9.35
C4 UYQ C . -0.96 15.31 -7.22
C3 UYQ C . -0.27 14.32 -7.89
C2 UYQ C . 1.02 13.97 -7.51
N4 UYQ C . -0.60 17.81 -4.58
N UYQ C . 0.42 11.67 -11.69
C UYQ C . 1.62 11.28 -11.30
N5 UYQ C . -1.42 18.80 -4.11
N6 UYQ C . -1.74 20.64 -2.76
N7 UYQ C . 0.31 19.60 -2.80
H4 UYQ C . 2.03 10.10 -12.93
H5 UYQ C . 3.27 10.15 -11.75
H14 UYQ C . 1.39 16.14 -4.94
H6 UYQ C . 3.03 11.43 -9.83
H15 UYQ C . 2.58 14.39 -6.08
H7 UYQ C . 2.76 12.79 -7.88
H10 UYQ C . -2.08 17.30 -6.00
H9 UYQ C . -1.98 15.55 -7.55
H8 UYQ C . -0.76 13.81 -8.71
H1 UYQ C . -0.01 11.38 -12.57
H11 UYQ C . -2.40 18.89 -4.40
H2 UYQ C . -2.70 20.73 -3.06
H13 UYQ C . 0.96 18.89 -3.14
H12 UYQ C . 0.72 20.25 -2.14
H UYQ C . -0.18 12.30 -11.15
H3 UYQ C . -1.42 21.34 -2.08
N1 UYQ D . 3.93 10.15 -19.06
C7 UYQ D . 12.46 3.93 -21.54
C8 UYQ D . 8.14 4.51 -17.51
N2 UYQ D . 3.46 8.22 -17.87
C9 UYQ D . 6.92 5.10 -17.21
C1 UYQ D . 5.07 6.67 -17.70
C5 UYQ D . 8.80 4.81 -18.69
C6 UYQ D . 10.08 4.17 -19.03
N3 UYQ D . 4.59 7.64 -18.39
C4 UYQ D . 8.20 5.71 -19.57
C3 UYQ D . 6.99 6.31 -19.25
C2 UYQ D . 6.32 6.00 -18.07
N4 UYQ D . 10.66 4.42 -20.14
N UYQ D . 2.03 10.02 -17.78
C UYQ D . 3.14 9.47 -18.25
N5 UYQ D . 11.87 3.79 -20.34
N6 UYQ D . 11.90 4.67 -22.47
N7 UYQ D . 13.61 3.29 -21.76
H4 UYQ D . 3.73 11.09 -19.37
H5 UYQ D . 4.81 9.77 -19.41
H14 UYQ D . 8.57 3.81 -16.79
H6 UYQ D . 2.86 7.73 -17.21
H15 UYQ D . 6.45 4.83 -16.27
H7 UYQ D . 4.63 6.25 -16.80
H10 UYQ D . 10.44 3.50 -18.25
H9 UYQ D . 8.69 5.98 -20.51
H8 UYQ D . 6.57 7.02 -19.96
H1 UYQ D . 1.42 9.54 -17.13
H11 UYQ D . 12.31 3.22 -19.62
H2 UYQ D . 11.02 5.17 -22.34
H13 UYQ D . 14.05 2.72 -21.05
H12 UYQ D . 14.10 3.36 -22.65
H UYQ D . 1.74 10.95 -18.03
H3 UYQ D . 12.30 4.80 -23.40
CA CA E . 14.01 23.73 3.85
CA CA F . 4.23 11.16 23.48
CA CA G . -7.17 6.75 -6.87
NA NA H . 1.37 -1.90 -4.34
NA NA I . -12.25 -19.86 -4.29
CL CL J . 10.20 -6.87 -13.64
S DMS K . -3.55 4.76 -19.99
O DMS K . -2.80 3.46 -20.15
C1 DMS K . -2.36 5.90 -19.23
C2 DMS K . -3.71 5.52 -21.63
H11 DMS K . -2.83 6.84 -19.09
H12 DMS K . -1.53 6.02 -19.87
H13 DMS K . -2.04 5.52 -18.30
H21 DMS K . -4.20 6.46 -21.54
H22 DMS K . -4.26 4.89 -22.26
H23 DMS K . -2.74 5.68 -22.04
S DMS L . 13.01 -8.00 -8.20
S DMS L . 13.42 -8.08 -7.72
O DMS L . 12.60 -6.86 -9.05
O DMS L . 14.53 -7.64 -6.83
C1 DMS L . 14.16 -9.02 -9.16
C1 DMS L . 12.82 -6.68 -8.71
C2 DMS L . 14.26 -7.55 -6.96
C2 DMS L . 14.18 -9.02 -9.06
H11 DMS L . 13.63 -9.48 -9.95
H11 DMS L . 12.35 -5.98 -8.08
H12 DMS L . 14.59 -9.75 -8.54
H12 DMS L . 12.12 -7.04 -9.43
H13 DMS L . 14.92 -8.40 -9.55
H13 DMS L . 13.64 -6.23 -9.21
H21 DMS L . 13.84 -6.87 -6.27
H21 DMS L . 14.62 -9.90 -8.68
H22 DMS L . 15.08 -7.09 -7.44
H22 DMS L . 14.92 -8.43 -9.53
H23 DMS L . 14.59 -8.41 -6.45
H23 DMS L . 13.44 -9.28 -9.77
S DMS M . 6.57 29.91 13.14
S DMS M . 1.66 31.97 9.66
O DMS M . 6.14 28.59 13.69
O DMS M . 0.98 30.69 9.46
C1 DMS M . 7.94 29.69 11.96
C1 DMS M . 3.08 31.74 10.75
C2 DMS M . 5.29 30.59 12.04
C2 DMS M . 2.34 32.64 8.13
H11 DMS M . 8.80 29.36 12.48
H11 DMS M . 2.76 31.32 11.67
H12 DMS M . 8.14 30.62 11.48
H12 DMS M . 3.55 32.67 10.94
H13 DMS M . 7.66 28.98 11.23
H13 DMS M . 3.78 31.08 10.29
H21 DMS M . 4.48 30.93 12.62
H21 DMS M . 1.58 32.70 7.41
H22 DMS M . 4.96 29.83 11.38
H22 DMS M . 3.11 32.00 7.78
H23 DMS M . 5.71 31.39 11.49
H23 DMS M . 2.74 33.60 8.31
S DMS N . -9.78 12.78 3.14
O DMS N . -8.66 12.72 4.14
C1 DMS N . -9.05 12.77 1.49
C2 DMS N . -10.53 11.13 3.10
H11 DMS N . -9.81 12.81 0.76
H12 DMS N . -8.48 11.88 1.36
H13 DMS N . -8.41 13.61 1.38
H21 DMS N . -11.37 11.14 2.46
H22 DMS N . -10.83 10.86 4.08
H23 DMS N . -9.82 10.44 2.75
S DMS O . 9.83 27.58 4.21
O DMS O . 10.08 26.08 4.29
C1 DMS O . 11.33 28.48 4.67
C2 DMS O . 9.75 27.98 2.45
H11 DMS O . 11.56 28.30 5.68
H12 DMS O . 11.18 29.52 4.52
H13 DMS O . 12.14 28.15 4.06
H21 DMS O . 8.95 27.43 2.00
H22 DMS O . 10.66 27.72 1.98
H23 DMS O . 9.56 29.00 2.33
S DMS P . -18.65 -3.58 -0.18
O DMS P . -19.13 -4.21 1.09
C1 DMS P . -20.12 -2.78 -0.91
C2 DMS P . -17.74 -2.09 0.25
H11 DMS P . -20.82 -3.53 -1.20
H12 DMS P . -19.83 -2.23 -1.76
H13 DMS P . -20.56 -2.14 -0.20
H21 DMS P . -16.70 -2.30 0.24
H22 DMS P . -18.02 -1.77 1.22
H23 DMS P . -17.96 -1.33 -0.45
S DMS Q . -4.34 14.53 2.06
O DMS Q . -3.71 13.29 1.51
C1 DMS Q . -3.04 15.67 2.58
C2 DMS Q . -5.01 15.54 0.71
H11 DMS Q . -2.48 15.24 3.37
H12 DMS Q . -3.48 16.57 2.93
H13 DMS Q . -2.39 15.88 1.77
H21 DMS Q . -5.86 15.05 0.30
H22 DMS Q . -4.27 15.66 -0.04
H23 DMS Q . -5.29 16.48 1.09
S DMS R . -4.57 2.21 -27.28
O DMS R . -3.83 1.44 -28.34
C1 DMS R . -3.36 2.99 -26.18
C2 DMS R . -5.38 3.65 -28.04
H11 DMS R . -2.80 2.23 -25.69
H12 DMS R . -3.87 3.57 -25.45
H13 DMS R . -2.72 3.61 -26.73
H21 DMS R . -6.09 3.33 -28.75
H22 DMS R . -4.65 4.26 -28.52
H23 DMS R . -5.86 4.22 -27.29
C1 NAG S . 20.28 -12.99 5.38
C2 NAG S . 21.38 -13.74 6.16
C3 NAG S . 22.37 -14.39 5.18
C4 NAG S . 21.64 -15.24 4.16
C5 NAG S . 20.56 -14.41 3.48
C6 NAG S . 19.72 -15.22 2.52
C7 NAG S . 21.84 -12.78 8.37
C8 NAG S . 22.65 -11.78 9.14
N2 NAG S . 22.07 -12.83 7.05
O3 NAG S . 23.27 -15.21 5.92
O4 NAG S . 22.56 -15.73 3.19
O5 NAG S . 19.66 -13.88 4.47
O6 NAG S . 19.09 -16.29 3.19
O7 NAG S . 21.04 -13.53 8.92
H1 NAG S . 20.67 -12.26 4.89
H2 NAG S . 20.97 -14.44 6.68
H3 NAG S . 22.86 -13.69 4.73
H4 NAG S . 21.23 -16.00 4.60
H5 NAG S . 20.98 -13.67 3.00
H61 NAG S . 20.29 -15.57 1.81
H62 NAG S . 19.04 -14.64 2.12
H81 NAG S . 22.41 -11.83 10.09
H82 NAG S . 22.43 -10.87 8.81
H83 NAG S . 23.59 -11.96 9.02
HN2 NAG S . 22.69 -12.26 6.70
HO3 NAG S . 23.78 -15.67 5.35
HO4 NAG S . 22.36 -16.58 3.00
HO6 NAG S . 18.71 -16.83 2.60
#